data_6YC8
#
_entry.id   6YC8
#
_cell.length_a   111.064
_cell.length_b   111.064
_cell.length_c   144.592
_cell.angle_alpha   90.000
_cell.angle_beta   90.000
_cell.angle_gamma   120.000
#
_symmetry.space_group_name_H-M   'P 65 2 2'
#
loop_
_entity.id
_entity.type
_entity.pdbx_description
1 polymer Ketoreductase
2 non-polymer 'NADP NICOTINAMIDE-ADENINE-DINUCLEOTIDE PHOSPHATE'
3 non-polymer 'ACETATE ION'
4 non-polymer '4-(2-HYDROXYETHYL)-1-PIPERAZINE ETHANESULFONIC ACID'
5 non-polymer 'TRIETHYLENE GLYCOL'
6 non-polymer DI(HYDROXYETHYL)ETHER
7 non-polymer 1,2-ETHANEDIOL
8 water water
#
_entity_poly.entity_id   1
_entity_poly.type   'polypeptide(L)'
_entity_poly.pdbx_seq_one_letter_code
;MTKVTVVTGASRGLGEAIVKQILARNADAKVVAVARSAENLQKLEKGSEGRVLAVAGDVTRPETIHRLIEETVAKFGRID
SVVVNAGVLEPVQHIDSLDVDLVRRLYEVNLFSVMDLVRQTLPYMRQSKGSYLFVSSGASTKPYDAWSAYGSSKAALNYF
CLSLATEEPLIRALSIAPGVVDTDMQQDIREVFGQNMAPDALKRFTDLHENKQLLAPEVPGGFYASLALRGVPENLNGRY
VRYDDSELKEYAKLAAALEHHHHHH
;
_entity_poly.pdbx_strand_id   A
#
# COMPACT_ATOMS: atom_id res chain seq x y z
N THR A 2 23.31 -0.76 -0.53
CA THR A 2 22.13 -0.35 0.22
C THR A 2 20.93 -0.22 -0.73
N LYS A 3 19.84 -0.90 -0.41
CA LYS A 3 18.62 -0.81 -1.19
C LYS A 3 17.65 0.15 -0.52
N VAL A 4 16.96 0.94 -1.32
CA VAL A 4 16.13 2.02 -0.83
C VAL A 4 14.69 1.70 -1.22
N THR A 5 13.82 1.58 -0.22
CA THR A 5 12.39 1.32 -0.45
C THR A 5 11.53 2.51 -0.05
N VAL A 6 10.61 2.93 -0.92
CA VAL A 6 9.56 3.87 -0.57
C VAL A 6 8.35 3.07 -0.11
N VAL A 7 7.80 3.37 1.06
CA VAL A 7 6.57 2.75 1.55
C VAL A 7 5.53 3.87 1.78
N THR A 8 4.40 3.82 1.07
CA THR A 8 3.36 4.78 1.38
C THR A 8 2.42 4.21 2.41
N GLY A 9 1.70 5.09 3.11
CA GLY A 9 0.93 4.60 4.25
C GLY A 9 1.78 4.06 5.38
N ALA A 10 2.89 4.71 5.73
CA ALA A 10 3.81 4.12 6.70
C ALA A 10 3.53 4.54 8.13
N SER A 11 2.50 5.37 8.36
CA SER A 11 2.29 5.88 9.71
C SER A 11 1.63 4.89 10.66
N ARG A 12 1.03 3.79 10.20
CA ARG A 12 0.37 2.84 11.08
CA ARG A 12 0.42 2.82 11.10
C ARG A 12 0.11 1.59 10.26
N GLY A 13 -0.42 0.58 10.92
CA GLY A 13 -0.98 -0.58 10.20
C GLY A 13 0.06 -1.38 9.42
N LEU A 14 -0.40 -1.92 8.29
CA LEU A 14 0.44 -2.78 7.50
C LEU A 14 1.68 -2.06 7.03
N GLY A 15 1.53 -0.82 6.57
CA GLY A 15 2.67 -0.13 5.98
C GLY A 15 3.75 0.14 7.03
N GLU A 16 3.34 0.52 8.24
CA GLU A 16 4.32 0.67 9.32
C GLU A 16 5.05 -0.65 9.61
N ALA A 17 4.31 -1.75 9.63
CA ALA A 17 4.90 -3.05 9.86
C ALA A 17 5.85 -3.44 8.74
N ILE A 18 5.53 -3.08 7.50
CA ILE A 18 6.44 -3.35 6.38
C ILE A 18 7.77 -2.59 6.57
N VAL A 19 7.70 -1.31 6.96
CA VAL A 19 8.94 -0.55 7.21
C VAL A 19 9.79 -1.24 8.27
N LYS A 20 9.18 -1.59 9.39
CA LYS A 20 9.93 -2.21 10.48
C LYS A 20 10.52 -3.55 10.04
N GLN A 21 9.77 -4.32 9.26
CA GLN A 21 10.27 -5.62 8.83
C GLN A 21 11.44 -5.47 7.85
N ILE A 22 11.41 -4.43 7.02
CA ILE A 22 12.54 -4.19 6.13
C ILE A 22 13.80 -3.90 6.94
N LEU A 23 13.69 -3.00 7.93
CA LEU A 23 14.86 -2.67 8.76
C LEU A 23 15.35 -3.86 9.56
N ALA A 24 14.43 -4.75 9.95
CA ALA A 24 14.81 -5.93 10.72
C ALA A 24 15.51 -6.97 9.86
N ARG A 25 15.22 -7.00 8.56
CA ARG A 25 15.68 -8.10 7.72
C ARG A 25 16.97 -7.79 6.98
N ASN A 26 17.36 -6.52 6.90
CA ASN A 26 18.61 -6.17 6.25
C ASN A 26 19.18 -4.95 6.96
N ALA A 27 20.46 -5.05 7.35
CA ALA A 27 21.09 -4.03 8.17
C ALA A 27 21.42 -2.77 7.39
N ASP A 28 21.58 -2.87 6.06
CA ASP A 28 21.97 -1.73 5.25
C ASP A 28 20.78 -0.99 4.60
N ALA A 29 19.62 -1.62 4.56
CA ALA A 29 18.48 -1.07 3.82
C ALA A 29 18.04 0.28 4.37
N LYS A 30 17.56 1.15 3.46
CA LYS A 30 17.00 2.45 3.78
C LYS A 30 15.53 2.45 3.39
N VAL A 31 14.71 3.22 4.13
CA VAL A 31 13.28 3.31 3.84
C VAL A 31 12.89 4.77 3.81
N VAL A 32 12.05 5.12 2.84
CA VAL A 32 11.41 6.42 2.79
C VAL A 32 9.94 6.20 3.16
N ALA A 33 9.52 6.75 4.29
CA ALA A 33 8.19 6.51 4.86
C ALA A 33 7.32 7.73 4.58
N VAL A 34 6.18 7.51 3.92
CA VAL A 34 5.30 8.57 3.46
C VAL A 34 3.90 8.35 4.02
N ALA A 35 3.28 9.42 4.51
CA ALA A 35 1.88 9.40 4.92
C ALA A 35 1.55 10.81 5.33
N ARG A 36 0.29 11.09 5.68
CA ARG A 36 -0.02 12.44 6.12
C ARG A 36 0.35 12.71 7.58
N SER A 37 0.43 11.68 8.42
CA SER A 37 0.57 11.93 9.87
C SER A 37 2.03 12.24 10.18
N ALA A 38 2.37 13.54 10.22
CA ALA A 38 3.77 13.94 10.34
C ALA A 38 4.39 13.49 11.67
N GLU A 39 3.61 13.50 12.77
CA GLU A 39 4.20 13.16 14.07
C GLU A 39 4.62 11.70 14.14
N ASN A 40 3.76 10.80 13.67
CA ASN A 40 4.11 9.38 13.61
C ASN A 40 5.36 9.15 12.78
N LEU A 41 5.46 9.78 11.60
CA LEU A 41 6.60 9.55 10.74
C LEU A 41 7.88 10.07 11.37
N GLN A 42 7.79 11.19 12.07
CA GLN A 42 8.99 11.74 12.67
C GLN A 42 9.48 10.84 13.82
N LYS A 43 8.57 10.13 14.48
CA LYS A 43 8.96 9.13 15.47
C LYS A 43 9.61 7.92 14.83
N LEU A 44 9.06 7.44 13.71
CA LEU A 44 9.71 6.38 12.92
C LEU A 44 11.13 6.76 12.53
N GLU A 45 11.31 7.98 12.03
CA GLU A 45 12.64 8.47 11.68
C GLU A 45 13.57 8.44 12.89
N LYS A 46 13.06 8.90 14.05
CA LYS A 46 13.89 9.01 15.25
C LYS A 46 14.29 7.63 15.76
N GLY A 47 13.37 6.67 15.74
CA GLY A 47 13.68 5.35 16.24
C GLY A 47 14.53 4.47 15.34
N SER A 48 14.81 4.87 14.10
CA SER A 48 15.38 3.97 13.10
C SER A 48 16.85 4.22 12.82
N GLU A 49 17.48 5.11 13.58
CA GLU A 49 18.94 5.26 13.60
C GLU A 49 19.48 5.75 12.26
N GLY A 50 18.80 6.71 11.64
CA GLY A 50 19.25 7.22 10.34
C GLY A 50 18.79 6.42 9.14
N ARG A 51 18.09 5.32 9.32
CA ARG A 51 17.80 4.51 8.16
C ARG A 51 16.43 4.81 7.54
N VAL A 52 15.64 5.69 8.16
CA VAL A 52 14.32 6.06 7.65
C VAL A 52 14.35 7.55 7.34
N LEU A 53 13.89 7.92 6.15
CA LEU A 53 13.60 9.31 5.84
C LEU A 53 12.08 9.50 5.87
N ALA A 54 11.59 10.42 6.73
CA ALA A 54 10.15 10.69 6.78
C ALA A 54 9.81 11.75 5.74
N VAL A 55 8.78 11.48 4.92
CA VAL A 55 8.22 12.51 4.02
C VAL A 55 6.72 12.58 4.34
N ALA A 56 6.30 13.65 4.99
CA ALA A 56 4.90 13.80 5.36
C ALA A 56 4.12 14.51 4.26
N GLY A 57 2.96 13.94 3.90
CA GLY A 57 2.13 14.58 2.91
C GLY A 57 1.05 13.64 2.39
N ASP A 58 0.05 14.23 1.79
CA ASP A 58 -1.05 13.51 1.15
C ASP A 58 -0.58 13.09 -0.24
N VAL A 59 -0.54 11.78 -0.51
CA VAL A 59 -0.07 11.27 -1.80
C VAL A 59 -0.93 11.70 -2.98
N THR A 60 -2.16 12.19 -2.72
CA THR A 60 -3.01 12.62 -3.83
C THR A 60 -2.62 14.01 -4.35
N ARG A 61 -1.67 14.69 -3.70
CA ARG A 61 -1.12 15.96 -4.21
C ARG A 61 0.17 15.70 -4.95
N PRO A 62 0.28 16.05 -6.22
CA PRO A 62 1.53 15.79 -6.92
C PRO A 62 2.72 16.48 -6.28
N GLU A 63 2.49 17.55 -5.49
CA GLU A 63 3.60 18.21 -4.78
C GLU A 63 4.24 17.25 -3.78
N THR A 64 3.43 16.42 -3.14
CA THR A 64 3.96 15.41 -2.23
C THR A 64 4.90 14.48 -2.96
N ILE A 65 4.49 14.00 -4.14
CA ILE A 65 5.26 13.04 -4.88
C ILE A 65 6.53 13.70 -5.40
N HIS A 66 6.43 14.95 -5.86
CA HIS A 66 7.64 15.62 -6.33
C HIS A 66 8.66 15.80 -5.19
N ARG A 67 8.18 16.20 -4.02
CA ARG A 67 9.05 16.39 -2.86
C ARG A 67 9.65 15.07 -2.40
N LEU A 68 8.83 14.02 -2.38
CA LEU A 68 9.31 12.69 -2.03
C LEU A 68 10.50 12.27 -2.89
N ILE A 69 10.41 12.46 -4.19
CA ILE A 69 11.51 12.02 -5.06
C ILE A 69 12.72 12.89 -4.87
N GLU A 70 12.52 14.21 -4.83
CA GLU A 70 13.61 15.14 -4.57
C GLU A 70 14.40 14.76 -3.33
N GLU A 71 13.69 14.55 -2.20
CA GLU A 71 14.35 14.29 -0.92
C GLU A 71 14.99 12.90 -0.86
N THR A 72 14.34 11.91 -1.46
CA THR A 72 14.92 10.56 -1.51
C THR A 72 16.24 10.57 -2.29
N VAL A 73 16.24 11.21 -3.46
CA VAL A 73 17.43 11.25 -4.29
C VAL A 73 18.55 12.00 -3.59
N ALA A 74 18.23 13.12 -2.95
CA ALA A 74 19.23 13.89 -2.21
C ALA A 74 19.83 13.10 -1.06
N LYS A 75 19.02 12.34 -0.33
CA LYS A 75 19.50 11.70 0.89
C LYS A 75 20.10 10.33 0.63
N PHE A 76 19.52 9.54 -0.28
CA PHE A 76 19.94 8.16 -0.54
C PHE A 76 20.38 7.87 -1.97
N GLY A 77 20.02 8.73 -2.95
CA GLY A 77 20.55 8.63 -4.31
C GLY A 77 19.95 7.61 -5.26
N ARG A 78 18.91 6.87 -4.87
CA ARG A 78 18.42 5.77 -5.69
C ARG A 78 17.06 5.37 -5.15
N ILE A 79 16.30 4.62 -5.96
CA ILE A 79 15.07 3.99 -5.48
C ILE A 79 15.04 2.57 -6.01
N ASP A 80 14.96 1.59 -5.11
CA ASP A 80 15.01 0.18 -5.50
C ASP A 80 13.66 -0.48 -5.45
N SER A 81 12.75 0.03 -4.62
CA SER A 81 11.46 -0.64 -4.50
C SER A 81 10.45 0.39 -4.05
N VAL A 82 9.22 0.22 -4.51
CA VAL A 82 8.10 1.08 -4.13
C VAL A 82 6.95 0.20 -3.67
N VAL A 83 6.56 0.37 -2.41
CA VAL A 83 5.47 -0.41 -1.81
C VAL A 83 4.25 0.50 -1.73
N VAL A 84 3.24 0.20 -2.55
CA VAL A 84 2.08 1.07 -2.72
C VAL A 84 1.04 0.54 -1.72
N ASN A 85 1.04 1.12 -0.53
CA ASN A 85 0.23 0.60 0.55
C ASN A 85 -0.83 1.59 1.05
N ALA A 86 -0.61 2.91 0.96
CA ALA A 86 -1.70 3.83 1.36
C ALA A 86 -3.03 3.44 0.72
N GLY A 87 -4.12 3.51 1.49
CA GLY A 87 -5.44 3.23 0.94
C GLY A 87 -6.53 3.66 1.89
N VAL A 88 -7.72 3.80 1.33
CA VAL A 88 -8.92 4.07 2.12
C VAL A 88 -9.98 3.06 1.71
N LEU A 89 -10.90 2.79 2.64
CA LEU A 89 -12.01 1.89 2.42
C LEU A 89 -13.33 2.63 2.24
N GLU A 90 -13.55 3.72 2.97
CA GLU A 90 -14.81 4.46 2.79
C GLU A 90 -14.85 5.09 1.38
N PRO A 91 -16.03 5.17 0.74
CA PRO A 91 -17.40 4.95 1.26
C PRO A 91 -17.84 3.47 1.30
N VAL A 92 -18.21 2.98 2.47
CA VAL A 92 -18.86 1.68 2.57
C VAL A 92 -20.35 1.96 2.56
N GLN A 93 -20.98 1.82 1.40
CA GLN A 93 -22.39 2.17 1.22
C GLN A 93 -22.93 1.27 0.13
N HIS A 94 -24.19 0.84 0.25
CA HIS A 94 -24.83 0.14 -0.86
C HIS A 94 -24.88 1.03 -2.09
N ILE A 95 -24.91 0.39 -3.24
CA ILE A 95 -24.97 1.09 -4.51
C ILE A 95 -26.18 2.02 -4.58
N ASP A 96 -27.30 1.64 -3.94
CA ASP A 96 -28.48 2.50 -3.96
C ASP A 96 -28.37 3.74 -3.08
N SER A 97 -27.27 3.87 -2.30
CA SER A 97 -27.01 4.97 -1.38
C SER A 97 -25.64 5.60 -1.61
N LEU A 98 -24.96 5.26 -2.68
CA LEU A 98 -23.52 5.48 -2.78
C LEU A 98 -23.23 6.93 -3.15
N ASP A 99 -22.45 7.61 -2.33
CA ASP A 99 -22.03 9.01 -2.55
C ASP A 99 -20.84 9.09 -3.51
N VAL A 100 -21.08 9.55 -4.74
CA VAL A 100 -20.02 9.49 -5.75
C VAL A 100 -18.88 10.44 -5.40
N ASP A 101 -19.12 11.54 -4.68
CA ASP A 101 -17.98 12.38 -4.29
C ASP A 101 -17.02 11.64 -3.39
N LEU A 102 -17.54 10.78 -2.49
CA LEU A 102 -16.64 9.99 -1.66
C LEU A 102 -15.96 8.91 -2.49
N VAL A 103 -16.66 8.41 -3.52
CA VAL A 103 -16.00 7.45 -4.42
C VAL A 103 -14.82 8.12 -5.12
N ARG A 104 -15.03 9.35 -5.62
CA ARG A 104 -13.93 10.07 -6.29
C ARG A 104 -12.72 10.16 -5.39
N ARG A 105 -12.93 10.49 -4.12
CA ARG A 105 -11.80 10.58 -3.16
C ARG A 105 -11.13 9.24 -2.98
N LEU A 106 -11.90 8.16 -2.85
CA LEU A 106 -11.29 6.84 -2.69
C LEU A 106 -10.43 6.52 -3.91
N TYR A 107 -10.90 6.85 -5.11
CA TYR A 107 -10.07 6.56 -6.29
C TYR A 107 -8.83 7.46 -6.32
N GLU A 108 -8.92 8.69 -5.83
CA GLU A 108 -7.69 9.50 -5.79
C GLU A 108 -6.60 8.80 -4.99
N VAL A 109 -6.97 8.27 -3.82
CA VAL A 109 -5.99 7.63 -2.95
C VAL A 109 -5.53 6.30 -3.55
N ASN A 110 -6.49 5.42 -3.87
CA ASN A 110 -6.18 4.02 -4.15
C ASN A 110 -5.67 3.82 -5.55
N LEU A 111 -5.88 4.76 -6.47
CA LEU A 111 -5.49 4.50 -7.85
C LEU A 111 -4.84 5.71 -8.53
N PHE A 112 -5.47 6.89 -8.53
CA PHE A 112 -4.89 7.96 -9.35
C PHE A 112 -3.55 8.44 -8.78
N SER A 113 -3.40 8.44 -7.46
CA SER A 113 -2.12 8.86 -6.87
C SER A 113 -1.08 7.80 -7.15
N VAL A 114 -1.51 6.55 -7.34
CA VAL A 114 -0.59 5.46 -7.66
C VAL A 114 -0.04 5.65 -9.06
N MET A 115 -0.91 5.97 -10.02
CA MET A 115 -0.43 6.33 -11.36
C MET A 115 0.61 7.44 -11.31
N ASP A 116 0.36 8.47 -10.51
CA ASP A 116 1.34 9.57 -10.46
C ASP A 116 2.66 9.13 -9.79
N LEU A 117 2.55 8.38 -8.71
CA LEU A 117 3.76 7.89 -8.03
C LEU A 117 4.59 6.99 -8.95
N VAL A 118 3.95 6.09 -9.69
CA VAL A 118 4.67 5.22 -10.62
C VAL A 118 5.32 6.05 -11.73
N ARG A 119 4.58 6.99 -12.32
N ARG A 119 4.57 6.98 -12.31
CA ARG A 119 5.16 7.80 -13.38
CA ARG A 119 5.13 7.82 -13.37
C ARG A 119 6.43 8.50 -12.91
C ARG A 119 6.41 8.51 -12.93
N GLN A 120 6.39 9.11 -11.73
CA GLN A 120 7.54 9.92 -11.30
C GLN A 120 8.71 9.06 -10.79
N THR A 121 8.46 7.86 -10.32
CA THR A 121 9.56 7.01 -9.84
C THR A 121 10.15 6.16 -10.95
N LEU A 122 9.46 6.01 -12.09
CA LEU A 122 9.92 5.06 -13.10
C LEU A 122 11.35 5.31 -13.59
N PRO A 123 11.80 6.55 -13.87
CA PRO A 123 13.21 6.72 -14.28
C PRO A 123 14.22 6.14 -13.32
N TYR A 124 14.00 6.26 -12.01
CA TYR A 124 14.91 5.67 -11.02
C TYR A 124 14.73 4.16 -10.92
N MET A 125 13.49 3.69 -11.01
CA MET A 125 13.24 2.26 -10.86
C MET A 125 13.76 1.48 -12.04
N ARG A 126 13.74 2.08 -13.24
CA ARG A 126 14.33 1.41 -14.39
C ARG A 126 15.84 1.20 -14.19
N GLN A 127 16.51 2.21 -13.62
CA GLN A 127 17.95 2.12 -13.36
C GLN A 127 18.28 1.05 -12.35
N SER A 128 17.43 0.88 -11.35
CA SER A 128 17.72 -0.12 -10.34
C SER A 128 17.11 -1.47 -10.66
N LYS A 129 16.32 -1.57 -11.75
CA LYS A 129 15.54 -2.78 -12.04
C LYS A 129 14.64 -3.12 -10.87
N GLY A 130 14.00 -2.09 -10.30
CA GLY A 130 13.33 -2.28 -9.04
C GLY A 130 11.96 -2.95 -9.17
N SER A 131 11.39 -3.28 -8.01
CA SER A 131 10.09 -3.93 -7.93
C SER A 131 9.04 -2.99 -7.36
N TYR A 132 7.92 -2.86 -8.05
CA TYR A 132 6.73 -2.22 -7.51
C TYR A 132 5.84 -3.26 -6.85
N LEU A 133 5.46 -3.00 -5.59
CA LEU A 133 4.61 -3.91 -4.83
C LEU A 133 3.30 -3.21 -4.49
N PHE A 134 2.18 -3.74 -4.96
CA PHE A 134 0.88 -3.13 -4.69
C PHE A 134 0.14 -3.91 -3.62
N VAL A 135 -0.43 -3.22 -2.66
CA VAL A 135 -1.23 -3.88 -1.63
C VAL A 135 -2.67 -3.92 -2.17
N SER A 136 -3.12 -5.11 -2.53
CA SER A 136 -4.49 -5.25 -3.05
C SER A 136 -5.38 -5.84 -1.97
N SER A 137 -6.44 -6.57 -2.35
CA SER A 137 -7.37 -7.12 -1.38
C SER A 137 -8.14 -8.26 -2.04
N GLY A 138 -8.59 -9.21 -1.22
CA GLY A 138 -9.54 -10.21 -1.73
C GLY A 138 -10.82 -9.59 -2.25
N ALA A 139 -11.15 -8.38 -1.80
CA ALA A 139 -12.32 -7.68 -2.32
C ALA A 139 -12.14 -7.26 -3.78
N SER A 140 -10.92 -7.35 -4.34
CA SER A 140 -10.73 -7.00 -5.75
C SER A 140 -11.41 -8.01 -6.68
N THR A 141 -11.73 -9.21 -6.19
CA THR A 141 -12.43 -10.19 -7.01
C THR A 141 -13.71 -10.72 -6.34
N LYS A 142 -13.88 -10.55 -5.03
CA LYS A 142 -15.09 -11.00 -4.37
C LYS A 142 -15.94 -9.82 -3.96
N PRO A 143 -17.22 -9.84 -4.27
CA PRO A 143 -18.10 -8.68 -4.03
C PRO A 143 -18.67 -8.56 -2.62
N TYR A 144 -17.87 -8.06 -1.68
CA TYR A 144 -18.36 -7.85 -0.32
C TYR A 144 -19.45 -6.78 -0.28
N ASP A 145 -20.46 -7.00 0.55
CA ASP A 145 -21.63 -6.13 0.58
C ASP A 145 -21.24 -4.71 0.96
N ALA A 146 -21.65 -3.74 0.15
CA ALA A 146 -21.46 -2.30 0.39
C ALA A 146 -20.03 -1.84 0.05
N TRP A 147 -19.21 -2.70 -0.51
CA TRP A 147 -17.82 -2.36 -0.82
C TRP A 147 -17.56 -2.19 -2.31
N SER A 148 -18.59 -1.81 -3.09
CA SER A 148 -18.39 -1.76 -4.54
C SER A 148 -17.29 -0.75 -4.92
N ALA A 149 -17.19 0.39 -4.22
CA ALA A 149 -16.18 1.39 -4.58
C ALA A 149 -14.77 0.86 -4.30
N TYR A 150 -14.53 0.43 -3.07
CA TYR A 150 -13.21 -0.09 -2.71
C TYR A 150 -12.84 -1.29 -3.55
N GLY A 151 -13.76 -2.25 -3.67
CA GLY A 151 -13.43 -3.44 -4.38
C GLY A 151 -13.15 -3.14 -5.85
N SER A 152 -13.95 -2.26 -6.44
CA SER A 152 -13.65 -1.94 -7.84
C SER A 152 -12.29 -1.23 -7.97
N SER A 153 -11.89 -0.42 -7.00
CA SER A 153 -10.58 0.26 -7.14
C SER A 153 -9.42 -0.72 -7.01
N LYS A 154 -9.57 -1.78 -6.23
CA LYS A 154 -8.51 -2.78 -6.15
C LYS A 154 -8.50 -3.67 -7.36
N ALA A 155 -9.67 -3.92 -7.99
CA ALA A 155 -9.65 -4.58 -9.29
C ALA A 155 -8.91 -3.73 -10.33
N ALA A 156 -9.17 -2.41 -10.35
CA ALA A 156 -8.43 -1.52 -11.25
C ALA A 156 -6.91 -1.52 -10.95
N LEU A 157 -6.56 -1.56 -9.67
CA LEU A 157 -5.15 -1.59 -9.25
C LEU A 157 -4.47 -2.87 -9.72
N ASN A 158 -5.15 -4.01 -9.59
CA ASN A 158 -4.59 -5.27 -10.10
C ASN A 158 -4.28 -5.17 -11.58
N TYR A 159 -5.21 -4.59 -12.33
CA TYR A 159 -5.01 -4.42 -13.78
C TYR A 159 -3.87 -3.43 -14.05
N PHE A 160 -3.81 -2.34 -13.30
CA PHE A 160 -2.73 -1.37 -13.49
C PHE A 160 -1.36 -2.02 -13.28
N CYS A 161 -1.24 -2.91 -12.29
CA CYS A 161 0.01 -3.67 -12.06
C CYS A 161 0.36 -4.57 -13.25
N LEU A 162 -0.61 -5.26 -13.81
CA LEU A 162 -0.36 -6.06 -14.99
C LEU A 162 0.08 -5.19 -16.16
N SER A 163 -0.59 -4.05 -16.33
CA SER A 163 -0.24 -3.14 -17.41
CA SER A 163 -0.24 -3.14 -17.41
C SER A 163 1.18 -2.60 -17.24
N LEU A 164 1.51 -2.16 -16.03
CA LEU A 164 2.85 -1.66 -15.74
C LEU A 164 3.93 -2.70 -16.06
N ALA A 165 3.76 -3.93 -15.59
CA ALA A 165 4.73 -4.97 -15.88
C ALA A 165 4.88 -5.19 -17.36
N THR A 166 3.78 -5.09 -18.11
CA THR A 166 3.82 -5.33 -19.54
C THR A 166 4.51 -4.19 -20.29
N GLU A 167 4.24 -2.94 -19.91
CA GLU A 167 4.84 -1.77 -20.60
C GLU A 167 6.31 -1.55 -20.25
N GLU A 168 6.75 -1.97 -19.07
CA GLU A 168 8.05 -1.59 -18.52
C GLU A 168 8.86 -2.86 -18.18
N PRO A 169 9.45 -3.51 -19.18
CA PRO A 169 10.13 -4.78 -18.91
C PRO A 169 11.40 -4.64 -18.07
N LEU A 170 11.89 -3.42 -17.81
CA LEU A 170 13.05 -3.30 -16.94
C LEU A 170 12.69 -3.46 -15.46
N ILE A 171 11.44 -3.20 -15.08
CA ILE A 171 11.04 -3.29 -13.68
C ILE A 171 10.25 -4.57 -13.46
N ARG A 172 9.86 -4.83 -12.20
CA ARG A 172 8.90 -5.87 -11.89
C ARG A 172 7.73 -5.26 -11.10
N ALA A 173 6.60 -5.95 -11.13
CA ALA A 173 5.41 -5.47 -10.42
C ALA A 173 4.64 -6.68 -9.92
N LEU A 174 4.08 -6.59 -8.73
CA LEU A 174 3.29 -7.68 -8.16
C LEU A 174 2.20 -7.05 -7.32
N SER A 175 0.98 -7.60 -7.40
CA SER A 175 -0.15 -7.11 -6.63
C SER A 175 -0.46 -8.19 -5.59
N ILE A 176 -0.43 -7.85 -4.29
CA ILE A 176 -0.51 -8.87 -3.25
C ILE A 176 -1.63 -8.50 -2.29
N ALA A 177 -2.60 -9.38 -2.15
CA ALA A 177 -3.57 -9.18 -1.07
C ALA A 177 -2.99 -9.68 0.25
N PRO A 178 -3.04 -8.90 1.34
CA PRO A 178 -2.37 -9.32 2.58
C PRO A 178 -3.20 -10.24 3.47
N GLY A 179 -4.35 -10.79 3.01
CA GLY A 179 -5.27 -11.44 3.95
C GLY A 179 -6.01 -10.42 4.79
N VAL A 180 -6.50 -10.85 5.95
CA VAL A 180 -7.20 -9.95 6.87
C VAL A 180 -6.27 -9.65 8.04
N VAL A 181 -6.08 -8.35 8.31
CA VAL A 181 -4.96 -7.87 9.11
C VAL A 181 -5.49 -7.00 10.24
N ASP A 182 -4.91 -7.16 11.43
CA ASP A 182 -5.39 -6.45 12.62
C ASP A 182 -4.93 -5.00 12.59
N THR A 183 -5.71 -4.13 11.91
CA THR A 183 -5.37 -2.71 11.75
C THR A 183 -6.61 -1.85 12.02
N ASP A 184 -6.40 -0.52 11.99
CA ASP A 184 -7.53 0.40 12.14
C ASP A 184 -8.57 0.20 11.03
N MET A 185 -8.18 -0.30 9.86
CA MET A 185 -9.17 -0.46 8.78
C MET A 185 -10.18 -1.55 9.14
N GLN A 186 -9.71 -2.67 9.70
CA GLN A 186 -10.64 -3.68 10.20
C GLN A 186 -11.41 -3.15 11.41
N GLN A 187 -10.77 -2.37 12.29
CA GLN A 187 -11.56 -1.78 13.38
C GLN A 187 -12.67 -0.89 12.83
N ASP A 188 -12.39 -0.10 11.79
CA ASP A 188 -13.41 0.73 11.17
C ASP A 188 -14.58 -0.12 10.63
N ILE A 189 -14.27 -1.26 10.00
CA ILE A 189 -15.33 -2.16 9.55
C ILE A 189 -16.23 -2.55 10.71
N ARG A 190 -15.62 -2.96 11.84
CA ARG A 190 -16.41 -3.49 12.95
C ARG A 190 -17.22 -2.41 13.62
N GLU A 191 -16.68 -1.19 13.72
CA GLU A 191 -17.28 -0.20 14.61
C GLU A 191 -17.92 1.00 13.91
N VAL A 192 -17.72 1.17 12.60
CA VAL A 192 -18.15 2.38 11.90
C VAL A 192 -18.90 1.95 10.64
N PHE A 193 -18.19 1.28 9.73
CA PHE A 193 -18.76 0.99 8.42
C PHE A 193 -19.77 -0.13 8.46
N GLY A 194 -19.63 -1.07 9.41
CA GLY A 194 -20.48 -2.25 9.45
C GLY A 194 -21.96 -1.94 9.57
N GLN A 195 -22.32 -0.77 10.09
CA GLN A 195 -23.74 -0.44 10.16
C GLN A 195 -24.36 -0.22 8.77
N ASN A 196 -23.55 -0.07 7.74
CA ASN A 196 -24.06 0.02 6.37
C ASN A 196 -24.03 -1.31 5.63
N MET A 197 -23.55 -2.37 6.28
CA MET A 197 -23.42 -3.67 5.66
C MET A 197 -24.54 -4.59 6.13
N ALA A 198 -24.90 -5.54 5.26
CA ALA A 198 -25.81 -6.59 5.68
C ALA A 198 -25.25 -7.25 6.94
N PRO A 199 -26.10 -7.58 7.92
CA PRO A 199 -25.61 -8.20 9.17
C PRO A 199 -24.77 -9.46 8.94
N ASP A 200 -25.20 -10.33 8.03
CA ASP A 200 -24.41 -11.52 7.76
C ASP A 200 -23.04 -11.18 7.23
N ALA A 201 -22.94 -10.16 6.37
CA ALA A 201 -21.64 -9.77 5.83
C ALA A 201 -20.73 -9.21 6.91
N LEU A 202 -21.27 -8.36 7.78
CA LEU A 202 -20.47 -7.82 8.88
C LEU A 202 -20.04 -8.92 9.83
N LYS A 203 -20.87 -9.95 10.00
CA LYS A 203 -20.56 -10.99 10.98
C LYS A 203 -19.30 -11.75 10.61
N ARG A 204 -19.00 -11.88 9.31
CA ARG A 204 -17.73 -12.47 8.89
C ARG A 204 -16.53 -11.78 9.54
N PHE A 205 -16.50 -10.44 9.51
CA PHE A 205 -15.34 -9.72 10.06
C PHE A 205 -15.34 -9.66 11.57
N THR A 206 -16.51 -9.58 12.22
CA THR A 206 -16.48 -9.61 13.69
C THR A 206 -16.10 -10.99 14.19
N ASP A 207 -16.50 -12.04 13.49
CA ASP A 207 -16.08 -13.40 13.85
C ASP A 207 -14.56 -13.56 13.78
N LEU A 208 -13.94 -13.07 12.70
CA LEU A 208 -12.49 -13.15 12.57
C LEU A 208 -11.81 -12.50 13.76
N HIS A 209 -12.25 -11.29 14.11
CA HIS A 209 -11.75 -10.59 15.27
C HIS A 209 -11.95 -11.40 16.55
N GLU A 210 -13.19 -11.81 16.83
CA GLU A 210 -13.48 -12.48 18.09
C GLU A 210 -12.80 -13.84 18.18
N ASN A 211 -12.56 -14.48 17.04
CA ASN A 211 -11.85 -15.75 17.05
C ASN A 211 -10.34 -15.59 16.97
N LYS A 212 -9.84 -14.35 17.06
CA LYS A 212 -8.40 -14.10 17.09
C LYS A 212 -7.73 -14.60 15.81
N GLN A 213 -8.41 -14.42 14.67
CA GLN A 213 -7.89 -14.83 13.37
C GLN A 213 -7.40 -13.68 12.52
N LEU A 214 -7.41 -12.45 13.03
CA LEU A 214 -6.80 -11.36 12.29
C LEU A 214 -5.29 -11.49 12.40
N LEU A 215 -4.59 -11.29 11.29
CA LEU A 215 -3.14 -11.41 11.34
C LEU A 215 -2.49 -10.18 11.98
N ALA A 216 -1.46 -10.41 12.79
CA ALA A 216 -0.59 -9.30 13.18
C ALA A 216 0.03 -8.70 11.92
N PRO A 217 0.09 -7.37 11.82
CA PRO A 217 0.60 -6.76 10.58
C PRO A 217 2.00 -7.22 10.22
N GLU A 218 2.84 -7.55 11.21
CA GLU A 218 4.21 -7.99 10.95
C GLU A 218 4.24 -9.29 10.19
N VAL A 219 3.16 -10.06 10.23
CA VAL A 219 3.18 -11.35 9.54
C VAL A 219 3.06 -11.16 8.02
N PRO A 220 1.96 -10.62 7.45
CA PRO A 220 2.03 -10.29 6.01
C PRO A 220 3.09 -9.23 5.70
N GLY A 221 3.36 -8.32 6.64
CA GLY A 221 4.38 -7.32 6.40
C GLY A 221 5.75 -7.90 6.12
N GLY A 222 6.06 -9.05 6.72
CA GLY A 222 7.36 -9.67 6.45
C GLY A 222 7.49 -10.17 5.02
N PHE A 223 6.37 -10.48 4.39
CA PHE A 223 6.42 -10.96 3.01
C PHE A 223 6.61 -9.80 2.02
N TYR A 224 5.97 -8.66 2.25
CA TYR A 224 6.26 -7.50 1.40
C TYR A 224 7.70 -7.04 1.58
N ALA A 225 8.16 -7.02 2.84
CA ALA A 225 9.55 -6.63 3.13
C ALA A 225 10.53 -7.51 2.40
N SER A 226 10.29 -8.82 2.41
CA SER A 226 11.21 -9.72 1.73
C SER A 226 11.18 -9.50 0.21
N LEU A 227 9.99 -9.30 -0.36
CA LEU A 227 9.87 -8.96 -1.77
C LEU A 227 10.56 -7.64 -2.09
N ALA A 228 10.41 -6.63 -1.21
CA ALA A 228 11.07 -5.35 -1.44
C ALA A 228 12.59 -5.49 -1.44
N LEU A 229 13.12 -6.37 -0.57
CA LEU A 229 14.56 -6.53 -0.45
C LEU A 229 15.14 -7.45 -1.53
N ARG A 230 14.40 -8.50 -1.91
CA ARG A 230 14.93 -9.49 -2.83
C ARG A 230 14.34 -9.44 -4.24
N GLY A 231 13.24 -8.74 -4.46
CA GLY A 231 12.74 -8.60 -5.82
C GLY A 231 11.62 -9.59 -6.15
N VAL A 232 10.84 -9.24 -7.17
CA VAL A 232 9.70 -10.06 -7.55
C VAL A 232 10.19 -11.19 -8.45
N PRO A 233 9.74 -12.43 -8.21
CA PRO A 233 10.12 -13.55 -9.08
C PRO A 233 9.42 -13.45 -10.44
N GLU A 234 10.23 -13.68 -11.48
CA GLU A 234 9.81 -13.40 -12.84
C GLU A 234 8.51 -14.12 -13.20
N ASN A 235 8.29 -15.33 -12.67
CA ASN A 235 7.10 -16.06 -13.03
CA ASN A 235 7.10 -16.12 -12.95
C ASN A 235 5.83 -15.45 -12.44
N LEU A 236 5.92 -14.57 -11.46
CA LEU A 236 4.76 -13.84 -10.91
C LEU A 236 4.66 -12.38 -11.35
N ASN A 237 5.60 -11.91 -12.16
CA ASN A 237 5.61 -10.53 -12.63
C ASN A 237 4.27 -10.15 -13.22
N GLY A 238 3.70 -9.05 -12.74
CA GLY A 238 2.41 -8.58 -13.24
C GLY A 238 1.19 -9.29 -12.66
N ARG A 239 1.36 -10.27 -11.81
CA ARG A 239 0.24 -11.10 -11.39
C ARG A 239 -0.37 -10.55 -10.10
N TYR A 240 -1.52 -11.13 -9.73
CA TYR A 240 -2.19 -10.83 -8.46
C TYR A 240 -2.19 -12.11 -7.65
N VAL A 241 -1.71 -12.04 -6.39
CA VAL A 241 -1.56 -13.20 -5.51
C VAL A 241 -2.02 -12.85 -4.09
#